data_7WXM
#
_entry.id   7WXM
#
_cell.length_a   36.106
_cell.length_b   84.624
_cell.length_c   91.372
_cell.angle_alpha   90.000
_cell.angle_beta   90.000
_cell.angle_gamma   90.000
#
_symmetry.space_group_name_H-M   'P 21 21 21'
#
loop_
_entity.id
_entity.type
_entity.pdbx_description
1 polymer 'poly(beta-D-mannuronate) lyase'
2 non-polymer 1,2-ETHANEDIOL
3 non-polymer 'CHLORIDE ION'
4 water water
#
_entity_poly.entity_id   1
_entity_poly.type   'polypeptide(L)'
_entity_poly.pdbx_seq_one_letter_code
;MGSSHHHHHHSSGLVPRGSHMLEVLFQGPMRFQSLSLAGSVAMLLHINAFAAQNDCPAPPPGSPDIRAIGYYTDAARSVI
DPRLKTQNDAAVKPLNAFAAHVAKFADAYAKGADEAAGRCALTWLDAWARSGAMLGRMAHVNNDQSDYMRQWTHGAAAMA
YLRTQALASEQQRTDIETWLKRLSAANLAYWDNPKHKRNNHYYWTGVGIMATAVATRDDTLLNTAQGIYRAGIDAIEPDG
RLPMEMARKRLALHYHDYATAPLVLMAEMARLQGEDWYTYRQGALERLAARVADGYRDPSWFNTQSGAVQETATPKASSG
WVEFYRLRSPDPMRFDAMHAAGPFQDPRMGGNLTLMAQEGIVPLPQQ
;
_entity_poly.pdbx_strand_id   A
#
loop_
_chem_comp.id
_chem_comp.type
_chem_comp.name
_chem_comp.formula
CL non-polymer 'CHLORIDE ION' 'Cl -1'
EDO non-polymer 1,2-ETHANEDIOL 'C2 H6 O2'
#
# COMPACT_ATOMS: atom_id res chain seq x y z
N ASP A 55 -6.74 -25.80 -6.39
CA ASP A 55 -6.91 -24.70 -5.45
C ASP A 55 -5.64 -23.89 -5.18
N CYS A 56 -4.50 -24.55 -5.06
CA CYS A 56 -3.25 -23.81 -4.90
C CYS A 56 -2.40 -24.00 -6.14
N PRO A 57 -2.42 -23.05 -7.08
CA PRO A 57 -1.56 -23.16 -8.27
C PRO A 57 -0.11 -23.13 -7.86
N ALA A 58 0.75 -23.58 -8.79
CA ALA A 58 2.17 -23.65 -8.50
C ALA A 58 2.70 -22.25 -8.23
N PRO A 59 3.61 -22.07 -7.27
CA PRO A 59 4.24 -20.76 -7.11
C PRO A 59 4.87 -20.32 -8.42
N PRO A 60 4.61 -19.09 -8.85
CA PRO A 60 5.13 -18.61 -10.12
C PRO A 60 6.57 -18.14 -9.97
N PRO A 61 7.30 -17.93 -11.07
CA PRO A 61 8.74 -17.58 -10.98
C PRO A 61 8.94 -16.23 -10.30
N GLY A 62 9.90 -16.22 -9.40
CA GLY A 62 10.24 -14.99 -8.67
C GLY A 62 11.61 -14.52 -9.06
N SER A 63 11.69 -13.81 -10.19
CA SER A 63 12.97 -13.35 -10.69
C SER A 63 13.59 -12.33 -9.74
N PRO A 64 14.92 -12.32 -9.60
CA PRO A 64 15.57 -11.18 -8.93
C PRO A 64 15.30 -9.83 -9.58
N ASP A 65 15.02 -9.79 -10.88
CA ASP A 65 15.09 -8.56 -11.65
C ASP A 65 13.69 -8.04 -12.02
N ILE A 66 13.58 -6.73 -12.19
CA ILE A 66 12.35 -6.07 -12.60
C ILE A 66 12.70 -5.09 -13.72
N ARG A 67 11.80 -4.98 -14.72
CA ARG A 67 11.98 -4.02 -15.84
C ARG A 67 10.64 -3.39 -16.18
N ALA A 68 10.19 -2.47 -15.33
CA ALA A 68 8.92 -1.78 -15.49
C ALA A 68 9.15 -0.51 -16.32
N ILE A 69 8.03 0.11 -16.75
CA ILE A 69 8.00 1.17 -17.76
C ILE A 69 7.10 2.28 -17.24
N GLY A 70 7.61 3.50 -17.10
CA GLY A 70 6.75 4.62 -16.75
C GLY A 70 5.83 5.01 -17.91
N TYR A 71 4.64 5.52 -17.55
CA TYR A 71 3.63 5.70 -18.59
C TYR A 71 2.93 7.05 -18.57
N TYR A 72 3.41 8.01 -17.83
CA TYR A 72 2.84 9.36 -17.88
C TYR A 72 3.58 10.19 -18.93
N THR A 73 2.86 11.15 -19.54
CA THR A 73 3.42 11.93 -20.64
C THR A 73 3.81 13.34 -20.24
N ASP A 74 3.31 13.85 -19.11
CA ASP A 74 3.42 15.25 -18.77
C ASP A 74 4.24 15.44 -17.51
N ALA A 75 4.66 16.69 -17.29
CA ALA A 75 5.46 17.02 -16.11
C ALA A 75 4.72 16.70 -14.82
N ALA A 76 3.40 16.94 -14.80
CA ALA A 76 2.59 16.68 -13.61
C ALA A 76 2.25 15.21 -13.43
N ARG A 77 2.68 14.33 -14.32
CA ARG A 77 2.38 12.89 -14.28
C ARG A 77 0.88 12.67 -14.02
N SER A 78 0.10 13.23 -14.93
CA SER A 78 -1.33 13.27 -14.80
C SER A 78 -2.04 12.76 -16.04
N VAL A 79 -1.31 12.56 -17.14
CA VAL A 79 -1.86 12.11 -18.41
C VAL A 79 -1.13 10.84 -18.84
N ILE A 80 -1.88 9.79 -19.09
CA ILE A 80 -1.34 8.47 -19.40
C ILE A 80 -1.14 8.28 -20.89
N ASP A 81 0.01 7.72 -21.27
CA ASP A 81 0.23 7.23 -22.61
C ASP A 81 -0.29 5.79 -22.61
N PRO A 82 -1.40 5.48 -23.30
CA PRO A 82 -1.96 4.13 -23.21
C PRO A 82 -1.04 3.05 -23.74
N ARG A 83 -0.20 3.37 -24.73
CA ARG A 83 0.76 2.41 -25.25
C ARG A 83 1.76 2.01 -24.17
N LEU A 84 2.28 3.01 -23.45
CA LEU A 84 3.23 2.72 -22.39
C LEU A 84 2.58 2.02 -21.21
N LYS A 85 1.32 2.35 -20.93
CA LYS A 85 0.62 1.66 -19.86
C LYS A 85 0.43 0.19 -20.19
N THR A 86 0.03 -0.11 -21.42
CA THR A 86 -0.08 -1.50 -21.86
C THR A 86 1.27 -2.21 -21.78
N GLN A 87 2.32 -1.54 -22.21
CA GLN A 87 3.66 -2.14 -22.13
C GLN A 87 4.05 -2.44 -20.70
N ASN A 88 3.82 -1.47 -19.80
CA ASN A 88 4.15 -1.70 -18.40
C ASN A 88 3.34 -2.85 -17.82
N ASP A 89 2.03 -2.88 -18.10
CA ASP A 89 1.17 -3.95 -17.58
C ASP A 89 1.73 -5.31 -17.94
N ALA A 90 2.18 -5.47 -19.18
CA ALA A 90 2.76 -6.74 -19.59
C ALA A 90 4.08 -7.00 -18.88
N ALA A 91 4.92 -5.97 -18.73
CA ALA A 91 6.23 -6.18 -18.12
C ALA A 91 6.13 -6.55 -16.65
N VAL A 92 5.13 -6.03 -15.94
CA VAL A 92 5.03 -6.26 -14.50
C VAL A 92 3.93 -7.27 -14.15
N LYS A 93 3.35 -7.92 -15.15
CA LYS A 93 2.32 -8.93 -14.88
C LYS A 93 2.73 -9.94 -13.82
N PRO A 94 3.93 -10.51 -13.82
CA PRO A 94 4.26 -11.46 -12.75
C PRO A 94 4.14 -10.86 -11.37
N LEU A 95 4.52 -9.59 -11.21
CA LEU A 95 4.46 -8.95 -9.91
C LEU A 95 3.03 -8.69 -9.48
N ASN A 96 2.20 -8.21 -10.40
CA ASN A 96 0.81 -7.96 -10.04
C ASN A 96 0.06 -9.27 -9.78
N ALA A 97 0.38 -10.31 -10.55
CA ALA A 97 -0.24 -11.61 -10.36
C ALA A 97 0.15 -12.20 -9.01
N PHE A 98 1.41 -12.04 -8.63
CA PHE A 98 1.84 -12.55 -7.32
C PHE A 98 1.04 -11.87 -6.23
N ALA A 99 0.99 -10.54 -6.25
CA ALA A 99 0.24 -9.80 -5.26
C ALA A 99 -1.23 -10.23 -5.22
N ALA A 100 -1.87 -10.31 -6.39
CA ALA A 100 -3.29 -10.66 -6.43
C ALA A 100 -3.54 -12.03 -5.82
N HIS A 101 -2.64 -12.98 -6.07
CA HIS A 101 -2.89 -14.32 -5.58
C HIS A 101 -2.63 -14.41 -4.08
N VAL A 102 -1.52 -13.83 -3.58
CA VAL A 102 -1.29 -13.98 -2.15
C VAL A 102 -2.40 -13.30 -1.34
N ALA A 103 -2.92 -12.17 -1.82
CA ALA A 103 -4.05 -11.53 -1.16
C ALA A 103 -5.32 -12.37 -1.27
N LYS A 104 -5.58 -12.96 -2.45
CA LYS A 104 -6.73 -13.86 -2.61
C LYS A 104 -6.66 -15.00 -1.60
N PHE A 105 -5.47 -15.57 -1.44
CA PHE A 105 -5.30 -16.70 -0.52
C PHE A 105 -5.48 -16.24 0.93
N ALA A 106 -4.93 -15.09 1.29
CA ALA A 106 -5.12 -14.56 2.63
C ALA A 106 -6.59 -14.27 2.91
N ASP A 107 -7.30 -13.66 1.97
CA ASP A 107 -8.74 -13.44 2.16
C ASP A 107 -9.48 -14.77 2.33
N ALA A 108 -9.11 -15.79 1.54
CA ALA A 108 -9.78 -17.09 1.69
C ALA A 108 -9.50 -17.70 3.06
N TYR A 109 -8.27 -17.58 3.52
CA TYR A 109 -7.90 -18.04 4.86
C TYR A 109 -8.74 -17.34 5.91
N ALA A 110 -8.96 -16.03 5.76
CA ALA A 110 -9.73 -15.25 6.72
C ALA A 110 -11.20 -15.66 6.78
N LYS A 111 -11.75 -16.29 5.74
CA LYS A 111 -13.12 -16.79 5.82
C LYS A 111 -13.30 -17.92 6.85
N GLY A 112 -12.21 -18.54 7.30
CA GLY A 112 -12.28 -19.66 8.22
C GLY A 112 -12.45 -20.99 7.51
N ALA A 113 -12.08 -22.04 8.22
CA ALA A 113 -12.18 -23.40 7.70
C ALA A 113 -11.41 -23.56 6.40
N ASP A 114 -10.32 -22.80 6.26
CA ASP A 114 -9.51 -22.86 5.05
C ASP A 114 -8.04 -22.59 5.39
N GLU A 115 -7.48 -23.40 6.30
CA GLU A 115 -6.05 -23.32 6.56
C GLU A 115 -5.24 -23.60 5.30
N ALA A 116 -5.75 -24.43 4.40
CA ALA A 116 -5.01 -24.71 3.16
C ALA A 116 -4.73 -23.43 2.38
N ALA A 117 -5.70 -22.51 2.32
CA ALA A 117 -5.50 -21.25 1.62
C ALA A 117 -4.37 -20.44 2.26
N GLY A 118 -4.33 -20.36 3.60
CA GLY A 118 -3.24 -19.65 4.24
C GLY A 118 -1.89 -20.29 3.94
N ARG A 119 -1.85 -21.63 3.99
CA ARG A 119 -0.61 -22.33 3.66
C ARG A 119 -0.22 -22.13 2.20
N CYS A 120 -1.19 -21.93 1.33
CA CYS A 120 -0.87 -21.66 -0.05
C CYS A 120 -0.15 -20.32 -0.20
N ALA A 121 -0.66 -19.28 0.47
CA ALA A 121 0.07 -18.00 0.46
C ALA A 121 1.50 -18.18 0.92
N LEU A 122 1.70 -18.99 1.98
CA LEU A 122 3.04 -19.16 2.53
C LEU A 122 3.96 -19.92 1.57
N THR A 123 3.41 -20.90 0.84
CA THR A 123 4.20 -21.57 -0.18
C THR A 123 4.65 -20.60 -1.27
N TRP A 124 3.78 -19.70 -1.70
CA TRP A 124 4.16 -18.73 -2.72
C TRP A 124 5.21 -17.76 -2.19
N LEU A 125 5.01 -17.25 -0.97
CA LEU A 125 5.98 -16.35 -0.37
C LEU A 125 7.31 -17.04 -0.20
N ASP A 126 7.31 -18.29 0.28
CA ASP A 126 8.56 -18.99 0.50
C ASP A 126 9.31 -19.25 -0.80
N ALA A 127 8.58 -19.53 -1.86
CA ALA A 127 9.20 -19.75 -3.16
C ALA A 127 9.91 -18.50 -3.66
N TRP A 128 9.26 -17.32 -3.53
CA TRP A 128 9.90 -16.07 -3.94
C TRP A 128 11.07 -15.73 -3.01
N ALA A 129 10.93 -15.99 -1.72
CA ALA A 129 12.04 -15.76 -0.80
C ALA A 129 13.25 -16.58 -1.21
N ARG A 130 13.02 -17.86 -1.54
CA ARG A 130 14.12 -18.75 -1.86
C ARG A 130 14.79 -18.39 -3.18
N SER A 131 14.04 -17.82 -4.13
CA SER A 131 14.66 -17.38 -5.37
C SER A 131 15.26 -15.97 -5.30
N GLY A 132 15.20 -15.32 -4.14
CA GLY A 132 15.69 -13.94 -4.06
C GLY A 132 14.92 -12.96 -4.92
N ALA A 133 13.60 -13.17 -5.02
CA ALA A 133 12.79 -12.37 -5.92
C ALA A 133 12.90 -10.88 -5.59
N MET A 134 13.10 -10.08 -6.61
CA MET A 134 13.16 -8.62 -6.51
C MET A 134 14.42 -8.08 -5.87
N LEU A 135 15.40 -8.92 -5.56
CA LEU A 135 16.62 -8.46 -4.91
C LEU A 135 17.76 -8.26 -5.89
N GLY A 136 17.48 -8.34 -7.19
CA GLY A 136 18.48 -8.15 -8.22
C GLY A 136 18.39 -6.77 -8.84
N ARG A 137 18.34 -6.71 -10.16
CA ARG A 137 18.48 -5.45 -10.86
C ARG A 137 17.13 -4.76 -11.03
N MET A 138 17.03 -3.52 -10.61
CA MET A 138 15.87 -2.67 -10.88
C MET A 138 16.19 -1.90 -12.15
N ALA A 139 15.78 -2.46 -13.29
CA ALA A 139 16.16 -1.86 -14.55
C ALA A 139 15.39 -0.57 -14.76
N HIS A 140 16.08 0.45 -15.25
CA HIS A 140 15.51 1.78 -15.44
C HIS A 140 15.44 2.06 -16.93
N VAL A 141 14.24 2.29 -17.43
CA VAL A 141 14.03 2.54 -18.85
C VAL A 141 13.73 4.00 -19.09
N ASN A 142 12.64 4.51 -18.53
CA ASN A 142 12.31 5.92 -18.66
C ASN A 142 12.01 6.59 -17.32
N ASN A 143 12.20 5.87 -16.21
CA ASN A 143 11.94 6.39 -14.87
C ASN A 143 12.24 5.25 -13.90
N ASP A 144 11.80 5.41 -12.65
CA ASP A 144 12.06 4.45 -11.58
C ASP A 144 10.88 3.52 -11.31
N GLN A 145 10.10 3.20 -12.36
CA GLN A 145 8.94 2.35 -12.18
C GLN A 145 9.30 1.02 -11.56
N SER A 146 10.49 0.48 -11.84
CA SER A 146 10.87 -0.80 -11.26
C SER A 146 10.95 -0.70 -9.74
N ASP A 147 11.57 0.38 -9.25
CA ASP A 147 11.61 0.60 -7.82
C ASP A 147 10.22 0.75 -7.23
N TYR A 148 9.34 1.50 -7.89
CA TYR A 148 7.98 1.62 -7.36
C TYR A 148 7.30 0.27 -7.28
N MET A 149 7.52 -0.57 -8.29
CA MET A 149 6.94 -1.90 -8.28
C MET A 149 7.51 -2.76 -7.16
N ARG A 150 8.80 -2.63 -6.86
CA ARG A 150 9.34 -3.35 -5.73
C ARG A 150 8.75 -2.86 -4.41
N GLN A 151 8.47 -1.56 -4.30
CA GLN A 151 7.81 -1.04 -3.11
C GLN A 151 6.41 -1.64 -2.97
N TRP A 152 5.61 -1.59 -4.02
CA TRP A 152 4.24 -2.05 -3.91
C TRP A 152 4.17 -3.56 -3.71
N THR A 153 5.05 -4.30 -4.39
CA THR A 153 5.01 -5.76 -4.30
C THR A 153 5.53 -6.23 -2.96
N HIS A 154 6.57 -5.59 -2.43
CA HIS A 154 6.98 -5.88 -1.07
C HIS A 154 5.82 -5.64 -0.10
N GLY A 155 5.08 -4.54 -0.27
CA GLY A 155 3.92 -4.31 0.58
C GLY A 155 2.90 -5.43 0.48
N ALA A 156 2.56 -5.85 -0.73
CA ALA A 156 1.61 -6.95 -0.87
C ALA A 156 2.12 -8.23 -0.21
N ALA A 157 3.38 -8.56 -0.43
CA ALA A 157 3.94 -9.79 0.12
C ALA A 157 4.00 -9.73 1.63
N ALA A 158 4.44 -8.60 2.17
CA ALA A 158 4.54 -8.46 3.62
C ALA A 158 3.16 -8.49 4.27
N MET A 159 2.16 -7.87 3.64
CA MET A 159 0.82 -7.94 4.19
C MET A 159 0.33 -9.38 4.22
N ALA A 160 0.54 -10.13 3.14
CA ALA A 160 0.08 -11.50 3.10
C ALA A 160 0.77 -12.33 4.16
N TYR A 161 2.06 -12.12 4.36
CA TYR A 161 2.77 -12.84 5.42
C TYR A 161 2.23 -12.48 6.79
N LEU A 162 2.00 -11.19 7.04
CA LEU A 162 1.42 -10.76 8.30
C LEU A 162 0.09 -11.44 8.56
N ARG A 163 -0.71 -11.63 7.53
CA ARG A 163 -2.04 -12.21 7.72
C ARG A 163 -1.98 -13.72 7.91
N THR A 164 -0.99 -14.42 7.34
CA THR A 164 -0.99 -15.88 7.32
C THR A 164 0.09 -16.51 8.19
N GLN A 165 0.97 -15.73 8.80
CA GLN A 165 2.17 -16.28 9.41
C GLN A 165 1.91 -17.25 10.54
N ALA A 166 0.72 -17.24 11.15
CA ALA A 166 0.44 -18.22 12.21
C ALA A 166 0.63 -19.63 11.71
N LEU A 167 0.44 -19.88 10.41
CA LEU A 167 0.56 -21.20 9.81
C LEU A 167 1.95 -21.52 9.30
N ALA A 168 2.92 -20.62 9.46
CA ALA A 168 4.22 -20.84 8.82
C ALA A 168 5.02 -21.91 9.55
N SER A 169 5.74 -22.72 8.77
CA SER A 169 6.72 -23.63 9.33
C SER A 169 7.92 -22.85 9.84
N GLU A 170 8.81 -23.53 10.56
CA GLU A 170 10.00 -22.84 11.04
C GLU A 170 10.86 -22.37 9.87
N GLN A 171 10.98 -23.20 8.83
CA GLN A 171 11.79 -22.84 7.68
C GLN A 171 11.15 -21.71 6.90
N GLN A 172 9.82 -21.73 6.78
CA GLN A 172 9.13 -20.67 6.07
C GLN A 172 9.29 -19.34 6.79
N ARG A 173 9.17 -19.33 8.13
CA ARG A 173 9.40 -18.11 8.88
C ARG A 173 10.79 -17.55 8.61
N THR A 174 11.82 -18.41 8.69
CA THR A 174 13.17 -17.92 8.49
C THR A 174 13.36 -17.41 7.07
N ASP A 175 12.92 -18.20 6.10
CA ASP A 175 13.11 -17.82 4.71
C ASP A 175 12.39 -16.52 4.42
N ILE A 176 11.09 -16.46 4.78
CA ILE A 176 10.28 -15.33 4.37
C ILE A 176 10.69 -14.08 5.13
N GLU A 177 10.92 -14.19 6.44
CA GLU A 177 11.29 -13.02 7.20
C GLU A 177 12.63 -12.44 6.74
N THR A 178 13.59 -13.31 6.44
CA THR A 178 14.87 -12.80 5.94
C THR A 178 14.68 -12.03 4.64
N TRP A 179 13.88 -12.59 3.73
CA TRP A 179 13.60 -11.93 2.47
C TRP A 179 12.87 -10.61 2.67
N LEU A 180 11.87 -10.58 3.55
CA LEU A 180 11.12 -9.34 3.79
C LEU A 180 11.99 -8.27 4.42
N LYS A 181 12.96 -8.66 5.26
CA LYS A 181 13.88 -7.67 5.83
C LYS A 181 14.87 -7.18 4.79
N ARG A 182 15.33 -8.07 3.88
CA ARG A 182 16.18 -7.62 2.78
C ARG A 182 15.45 -6.66 1.85
N LEU A 183 14.18 -6.93 1.56
CA LEU A 183 13.38 -6.01 0.77
C LEU A 183 13.18 -4.68 1.50
N SER A 184 12.97 -4.72 2.82
CA SER A 184 12.82 -3.49 3.58
C SER A 184 14.07 -2.63 3.44
N ALA A 185 15.25 -3.24 3.62
CA ALA A 185 16.48 -2.49 3.53
C ALA A 185 16.70 -1.91 2.13
N ALA A 186 16.43 -2.72 1.10
CA ALA A 186 16.65 -2.26 -0.28
C ALA A 186 15.70 -1.12 -0.63
N ASN A 187 14.43 -1.23 -0.24
CA ASN A 187 13.46 -0.18 -0.54
C ASN A 187 13.75 1.07 0.27
N LEU A 188 14.20 0.92 1.52
CA LEU A 188 14.58 2.08 2.32
C LEU A 188 15.75 2.81 1.67
N ALA A 189 16.72 2.06 1.17
CA ALA A 189 17.91 2.68 0.61
C ALA A 189 17.59 3.55 -0.59
N TYR A 190 16.56 3.18 -1.37
CA TYR A 190 16.14 4.01 -2.50
C TYR A 190 15.89 5.44 -2.04
N TRP A 191 15.32 5.62 -0.87
CA TRP A 191 14.96 6.93 -0.39
C TRP A 191 16.12 7.72 0.20
N ASP A 192 17.30 7.09 0.31
CA ASP A 192 18.46 7.84 0.79
C ASP A 192 18.89 8.94 -0.18
N ASN A 193 18.56 8.83 -1.46
CA ASN A 193 18.88 9.87 -2.44
C ASN A 193 17.83 10.96 -2.36
N PRO A 194 18.19 12.19 -1.99
CA PRO A 194 17.16 13.24 -1.85
C PRO A 194 16.52 13.67 -3.14
N LYS A 195 17.06 13.26 -4.29
CA LYS A 195 16.40 13.54 -5.55
C LYS A 195 15.16 12.68 -5.75
N HIS A 196 14.98 11.66 -4.93
CA HIS A 196 13.77 10.84 -5.01
C HIS A 196 12.73 11.50 -4.10
N LYS A 197 11.75 12.16 -4.71
CA LYS A 197 10.81 12.97 -3.95
C LYS A 197 9.87 12.09 -3.13
N ARG A 198 9.74 12.44 -1.86
CA ARG A 198 9.01 11.58 -0.91
C ARG A 198 7.51 11.90 -0.95
N ASN A 199 6.91 11.54 -2.09
CA ASN A 199 5.46 11.65 -2.22
C ASN A 199 4.81 10.35 -1.81
N ASN A 200 3.62 10.07 -2.37
CA ASN A 200 2.91 8.85 -2.01
C ASN A 200 3.76 7.59 -2.16
N HIS A 201 4.75 7.56 -3.07
CA HIS A 201 5.56 6.34 -3.18
C HIS A 201 6.31 6.06 -1.90
N TYR A 202 6.77 7.11 -1.22
CA TYR A 202 7.44 6.94 0.05
C TYR A 202 6.49 6.35 1.09
N TYR A 203 5.26 6.89 1.17
CA TYR A 203 4.32 6.35 2.15
C TYR A 203 3.99 4.89 1.82
N TRP A 204 3.82 4.56 0.54
CA TRP A 204 3.59 3.18 0.13
C TRP A 204 4.76 2.29 0.51
N THR A 205 6.00 2.79 0.43
CA THR A 205 7.15 2.02 0.92
C THR A 205 6.96 1.62 2.38
N GLY A 206 6.30 2.47 3.14
CA GLY A 206 6.06 2.20 4.55
C GLY A 206 5.17 1.01 4.80
N VAL A 207 4.31 0.64 3.86
CA VAL A 207 3.44 -0.53 4.05
C VAL A 207 4.26 -1.79 4.24
N GLY A 208 5.18 -2.06 3.32
CA GLY A 208 5.97 -3.27 3.45
C GLY A 208 6.89 -3.21 4.65
N ILE A 209 7.47 -2.05 4.92
CA ILE A 209 8.34 -1.95 6.10
C ILE A 209 7.54 -2.19 7.38
N MET A 210 6.36 -1.58 7.50
CA MET A 210 5.55 -1.74 8.70
C MET A 210 5.06 -3.17 8.85
N ALA A 211 4.53 -3.78 7.80
CA ALA A 211 4.06 -5.15 7.91
C ALA A 211 5.21 -6.08 8.30
N THR A 212 6.38 -5.88 7.70
CA THR A 212 7.55 -6.67 8.08
C THR A 212 7.90 -6.44 9.54
N ALA A 213 7.89 -5.18 9.98
CA ALA A 213 8.20 -4.85 11.36
C ALA A 213 7.27 -5.57 12.33
N VAL A 214 5.96 -5.55 12.07
CA VAL A 214 5.01 -6.18 12.98
C VAL A 214 5.16 -7.69 12.94
N ALA A 215 5.26 -8.27 11.74
CA ALA A 215 5.34 -9.72 11.62
C ALA A 215 6.61 -10.26 12.25
N THR A 216 7.69 -9.50 12.22
CA THR A 216 8.97 -9.96 12.78
C THR A 216 9.21 -9.43 14.19
N ARG A 217 8.31 -8.62 14.72
CA ARG A 217 8.48 -7.98 16.02
C ARG A 217 9.83 -7.25 16.12
N ASP A 218 10.18 -6.50 15.07
CA ASP A 218 11.45 -5.80 14.96
C ASP A 218 11.23 -4.33 15.34
N ASP A 219 11.72 -3.94 16.54
CA ASP A 219 11.50 -2.57 17.02
C ASP A 219 12.21 -1.55 16.15
N THR A 220 13.35 -1.91 15.55
CA THR A 220 14.05 -0.97 14.69
C THR A 220 13.24 -0.67 13.43
N LEU A 221 12.74 -1.72 12.79
CA LEU A 221 11.89 -1.53 11.62
C LEU A 221 10.60 -0.82 11.98
N LEU A 222 10.06 -1.06 13.17
CA LEU A 222 8.84 -0.38 13.58
C LEU A 222 9.11 1.11 13.68
N ASN A 223 10.28 1.47 14.26
N ASN A 223 10.28 1.48 14.23
CA ASN A 223 10.65 2.88 14.33
CA ASN A 223 10.63 2.88 14.31
C ASN A 223 10.80 3.48 12.93
C ASN A 223 10.80 3.48 12.92
N THR A 224 11.43 2.74 12.01
CA THR A 224 11.56 3.24 10.63
C THR A 224 10.20 3.50 10.01
N ALA A 225 9.28 2.54 10.16
CA ALA A 225 7.94 2.72 9.60
C ALA A 225 7.23 3.90 10.23
N GLN A 226 7.35 4.05 11.55
CA GLN A 226 6.76 5.19 12.22
C GLN A 226 7.27 6.49 11.64
N GLY A 227 8.57 6.56 11.30
CA GLY A 227 9.11 7.77 10.70
C GLY A 227 8.48 8.08 9.35
N ILE A 228 8.23 7.04 8.56
CA ILE A 228 7.61 7.23 7.24
C ILE A 228 6.19 7.73 7.40
N TYR A 229 5.41 7.08 8.27
CA TYR A 229 4.06 7.54 8.58
C TYR A 229 4.08 9.00 8.99
N ARG A 230 4.96 9.33 9.94
CA ARG A 230 4.96 10.69 10.47
C ARG A 230 5.43 11.71 9.45
N ALA A 231 6.27 11.28 8.51
CA ALA A 231 6.66 12.18 7.43
C ALA A 231 5.45 12.56 6.59
N GLY A 232 4.57 11.60 6.32
CA GLY A 232 3.34 11.93 5.61
C GLY A 232 2.45 12.85 6.44
N ILE A 233 2.26 12.52 7.72
CA ILE A 233 1.41 13.36 8.55
C ILE A 233 1.97 14.78 8.63
N ASP A 234 3.29 14.90 8.78
CA ASP A 234 3.94 16.20 8.87
C ASP A 234 3.80 17.00 7.58
N ALA A 235 3.65 16.34 6.44
CA ALA A 235 3.56 17.02 5.14
C ALA A 235 2.18 17.64 4.91
N ILE A 236 1.18 17.25 5.68
CA ILE A 236 -0.17 17.80 5.49
C ILE A 236 -0.15 19.27 5.88
N GLU A 237 -0.63 20.14 4.97
CA GLU A 237 -0.65 21.57 5.29
C GLU A 237 -1.90 21.90 6.09
N PRO A 238 -1.95 23.07 6.73
CA PRO A 238 -3.17 23.44 7.46
C PRO A 238 -4.45 23.37 6.65
N ASP A 239 -4.39 23.64 5.34
CA ASP A 239 -5.62 23.55 4.56
C ASP A 239 -5.99 22.12 4.17
N GLY A 240 -5.19 21.12 4.56
CA GLY A 240 -5.46 19.72 4.30
C GLY A 240 -4.72 19.14 3.11
N ARG A 241 -4.02 19.94 2.34
CA ARG A 241 -3.39 19.41 1.13
C ARG A 241 -2.07 18.71 1.45
N LEU A 242 -1.68 17.85 0.51
CA LEU A 242 -0.32 17.34 0.43
C LEU A 242 0.25 17.96 -0.84
N PRO A 243 1.19 18.92 -0.77
CA PRO A 243 1.61 19.65 -1.97
C PRO A 243 2.09 18.78 -3.11
N MET A 244 2.79 17.68 -2.83
CA MET A 244 3.27 16.89 -3.95
C MET A 244 2.14 16.17 -4.65
N GLU A 245 1.06 15.86 -3.94
CA GLU A 245 -0.11 15.28 -4.59
C GLU A 245 -0.98 16.34 -5.26
N MET A 246 -1.01 17.55 -4.69
CA MET A 246 -1.74 18.65 -5.31
C MET A 246 -1.16 19.08 -6.64
N ALA A 247 0.10 18.74 -6.91
CA ALA A 247 0.81 19.04 -8.15
C ALA A 247 0.41 18.11 -9.28
N ARG A 248 -0.55 17.21 -9.08
CA ARG A 248 -0.89 16.19 -10.06
C ARG A 248 -2.12 16.57 -10.90
N LYS A 249 -2.45 17.87 -10.95
CA LYS A 249 -3.44 18.38 -11.89
C LYS A 249 -4.76 17.62 -11.81
N ARG A 250 -5.25 17.04 -12.90
CA ARG A 250 -6.55 16.40 -12.87
C ARG A 250 -6.58 15.19 -11.94
N LEU A 251 -5.42 14.68 -11.53
CA LEU A 251 -5.34 13.56 -10.60
C LEU A 251 -5.01 13.99 -9.16
N ALA A 252 -5.18 15.27 -8.82
CA ALA A 252 -4.88 15.71 -7.46
C ALA A 252 -5.75 14.99 -6.42
N LEU A 253 -7.07 14.92 -6.65
CA LEU A 253 -7.92 14.19 -5.69
C LEU A 253 -7.50 12.73 -5.62
N HIS A 254 -7.32 12.10 -6.77
CA HIS A 254 -6.90 10.71 -6.83
C HIS A 254 -5.66 10.49 -5.98
N TYR A 255 -4.68 11.37 -6.07
CA TYR A 255 -3.42 11.16 -5.36
C TYR A 255 -3.49 11.56 -3.89
N HIS A 256 -4.38 12.47 -3.50
CA HIS A 256 -4.63 12.64 -2.08
C HIS A 256 -5.24 11.38 -1.48
N ASP A 257 -6.20 10.77 -2.19
CA ASP A 257 -6.77 9.49 -1.75
C ASP A 257 -5.66 8.43 -1.69
N TYR A 258 -4.83 8.37 -2.73
CA TYR A 258 -3.83 7.33 -2.82
C TYR A 258 -2.69 7.51 -1.81
N ALA A 259 -2.42 8.74 -1.39
CA ALA A 259 -1.48 9.00 -0.31
C ALA A 259 -2.06 8.66 1.06
N THR A 260 -3.36 8.91 1.25
CA THR A 260 -3.99 8.61 2.52
C THR A 260 -3.96 7.11 2.81
N ALA A 261 -4.16 6.30 1.75
CA ALA A 261 -4.29 4.85 1.90
C ALA A 261 -3.17 4.21 2.71
N PRO A 262 -1.90 4.37 2.34
CA PRO A 262 -0.83 3.70 3.11
C PRO A 262 -0.63 4.31 4.47
N LEU A 263 -0.92 5.59 4.65
CA LEU A 263 -0.81 6.19 5.98
C LEU A 263 -1.82 5.55 6.94
N VAL A 264 -3.07 5.46 6.52
CA VAL A 264 -4.08 4.79 7.33
C VAL A 264 -3.67 3.34 7.59
N LEU A 265 -3.23 2.63 6.55
CA LEU A 265 -2.91 1.21 6.75
C LEU A 265 -1.79 1.04 7.76
N MET A 266 -0.77 1.91 7.70
CA MET A 266 0.27 1.87 8.73
C MET A 266 -0.28 2.08 10.12
N ALA A 267 -1.10 3.11 10.31
CA ALA A 267 -1.70 3.35 11.61
C ALA A 267 -2.51 2.15 12.05
N GLU A 268 -3.20 1.49 11.12
CA GLU A 268 -4.00 0.33 11.49
C GLU A 268 -3.12 -0.83 11.92
N MET A 269 -1.96 -1.00 11.27
CA MET A 269 -1.05 -2.05 11.70
C MET A 269 -0.45 -1.69 13.05
N ALA A 270 -0.30 -0.41 13.36
CA ALA A 270 0.23 -0.07 14.67
C ALA A 270 -0.72 -0.46 15.79
N ARG A 271 -2.04 -0.55 15.51
CA ARG A 271 -2.96 -1.04 16.53
C ARG A 271 -2.68 -2.49 16.88
N LEU A 272 -2.08 -3.25 15.98
CA LEU A 272 -1.72 -4.63 16.30
C LEU A 272 -0.75 -4.68 17.45
N GLN A 273 0.02 -3.61 17.66
CA GLN A 273 0.93 -3.49 18.78
C GLN A 273 0.41 -2.57 19.86
N GLY A 274 -0.90 -2.32 19.85
CA GLY A 274 -1.56 -1.57 20.91
C GLY A 274 -1.42 -0.08 20.80
N GLU A 275 -0.76 0.42 19.76
CA GLU A 275 -0.45 1.84 19.65
C GLU A 275 -1.51 2.57 18.84
N ASP A 276 -1.75 3.82 19.20
CA ASP A 276 -2.70 4.70 18.53
C ASP A 276 -1.93 5.83 17.83
N TRP A 277 -1.51 5.59 16.58
CA TRP A 277 -0.75 6.58 15.82
C TRP A 277 -1.57 7.78 15.39
N TYR A 278 -2.89 7.70 15.49
CA TYR A 278 -3.72 8.85 15.15
C TYR A 278 -3.58 9.97 16.16
N THR A 279 -2.93 9.74 17.30
CA THR A 279 -2.66 10.84 18.22
C THR A 279 -1.49 11.69 17.79
N TYR A 280 -0.66 11.24 16.86
CA TYR A 280 0.45 12.07 16.39
C TYR A 280 -0.11 13.19 15.51
N ARG A 281 0.17 14.44 15.88
CA ARG A 281 -0.42 15.60 15.21
C ARG A 281 -1.92 15.38 15.02
N GLN A 282 -2.58 15.06 16.14
CA GLN A 282 -3.96 14.61 16.09
C GLN A 282 -4.82 15.65 15.36
N GLY A 283 -5.62 15.18 14.40
CA GLY A 283 -6.46 16.03 13.60
C GLY A 283 -5.93 16.28 12.20
N ALA A 284 -4.62 16.19 12.00
CA ALA A 284 -4.08 16.49 10.68
C ALA A 284 -4.56 15.48 9.64
N LEU A 285 -4.49 14.19 9.97
CA LEU A 285 -4.94 13.17 9.04
C LEU A 285 -6.42 13.34 8.74
N GLU A 286 -7.19 13.76 9.75
CA GLU A 286 -8.61 14.04 9.54
C GLU A 286 -8.82 15.16 8.53
N ARG A 287 -8.00 16.22 8.58
CA ARG A 287 -8.20 17.27 7.59
C ARG A 287 -7.97 16.75 6.18
N LEU A 288 -6.92 15.92 5.99
CA LEU A 288 -6.62 15.33 4.67
C LEU A 288 -7.75 14.39 4.25
N ALA A 289 -8.14 13.48 5.14
CA ALA A 289 -9.19 12.51 4.81
C ALA A 289 -10.51 13.21 4.50
N ALA A 290 -10.82 14.26 5.24
CA ALA A 290 -12.04 15.02 4.99
C ALA A 290 -12.00 15.72 3.63
N ARG A 291 -10.83 16.26 3.23
CA ARG A 291 -10.73 16.82 1.88
C ARG A 291 -11.03 15.77 0.84
N VAL A 292 -10.51 14.56 1.02
CA VAL A 292 -10.74 13.50 0.04
C VAL A 292 -12.23 13.18 -0.07
N ALA A 293 -12.87 12.93 1.06
CA ALA A 293 -14.29 12.62 1.05
C ALA A 293 -15.10 13.75 0.45
N ASP A 294 -14.83 14.99 0.86
CA ASP A 294 -15.47 16.17 0.28
C ASP A 294 -15.26 16.21 -1.22
N GLY A 295 -14.04 15.89 -1.68
CA GLY A 295 -13.69 16.05 -3.08
C GLY A 295 -14.48 15.13 -3.98
N TYR A 296 -14.84 13.94 -3.49
CA TYR A 296 -15.69 13.05 -4.26
C TYR A 296 -17.10 13.61 -4.38
N ARG A 297 -17.55 14.45 -3.44
CA ARG A 297 -18.85 15.09 -3.54
C ARG A 297 -18.81 16.35 -4.40
N ASP A 298 -17.78 17.16 -4.26
CA ASP A 298 -17.68 18.42 -4.96
C ASP A 298 -16.19 18.69 -5.11
N PRO A 299 -15.66 18.61 -6.32
CA PRO A 299 -14.22 18.79 -6.54
C PRO A 299 -13.75 20.24 -6.58
N SER A 300 -14.59 21.21 -6.20
CA SER A 300 -14.21 22.60 -6.46
C SER A 300 -12.93 23.01 -5.76
N TRP A 301 -12.68 22.53 -4.54
CA TRP A 301 -11.44 22.91 -3.86
C TRP A 301 -10.24 22.30 -4.58
N PHE A 302 -10.31 21.00 -4.91
CA PHE A 302 -9.21 20.41 -5.68
C PHE A 302 -9.04 21.10 -7.02
N ASN A 303 -10.14 21.47 -7.69
CA ASN A 303 -10.04 22.16 -8.97
C ASN A 303 -9.22 23.43 -8.81
N THR A 304 -9.57 24.25 -7.83
CA THR A 304 -8.92 25.54 -7.67
C THR A 304 -7.46 25.35 -7.25
N GLN A 305 -7.23 24.50 -6.26
CA GLN A 305 -5.88 24.39 -5.74
C GLN A 305 -4.94 23.65 -6.68
N SER A 306 -5.44 22.73 -7.51
CA SER A 306 -4.58 22.01 -8.44
C SER A 306 -4.44 22.72 -9.78
N GLY A 307 -5.37 23.64 -10.10
CA GLY A 307 -5.40 24.30 -11.37
C GLY A 307 -5.98 23.49 -12.49
N ALA A 308 -6.63 22.35 -12.20
CA ALA A 308 -7.21 21.51 -13.22
C ALA A 308 -8.54 20.96 -12.73
N VAL A 309 -9.49 20.81 -13.65
CA VAL A 309 -10.74 20.14 -13.30
C VAL A 309 -10.46 18.67 -13.03
N GLN A 310 -10.89 18.18 -11.89
CA GLN A 310 -10.53 16.82 -11.51
C GLN A 310 -11.16 15.79 -12.44
N GLU A 311 -10.42 14.72 -12.71
CA GLU A 311 -10.98 13.57 -13.39
C GLU A 311 -12.15 12.96 -12.62
N THR A 312 -13.23 12.63 -13.32
CA THR A 312 -14.39 12.06 -12.65
C THR A 312 -14.11 10.60 -12.31
N ALA A 313 -14.36 10.22 -11.06
CA ALA A 313 -14.05 8.86 -10.63
C ALA A 313 -14.83 8.51 -9.37
N THR A 314 -15.14 7.22 -9.22
CA THR A 314 -15.72 6.62 -8.02
C THR A 314 -14.58 6.14 -7.12
N PRO A 315 -14.69 6.24 -5.80
CA PRO A 315 -13.70 5.58 -4.93
C PRO A 315 -13.66 4.10 -5.25
N LYS A 316 -12.46 3.54 -5.22
CA LYS A 316 -12.30 2.12 -5.50
C LYS A 316 -10.98 1.64 -4.90
N ALA A 317 -10.86 0.32 -4.77
CA ALA A 317 -9.62 -0.34 -4.40
C ALA A 317 -9.01 0.30 -3.15
N SER A 318 -7.86 0.98 -3.30
CA SER A 318 -7.14 1.52 -2.16
C SER A 318 -7.91 2.60 -1.42
N SER A 319 -8.96 3.15 -2.03
CA SER A 319 -9.86 4.06 -1.30
C SER A 319 -10.45 3.38 -0.07
N GLY A 320 -10.39 2.05 -0.01
CA GLY A 320 -10.87 1.32 1.15
C GLY A 320 -10.15 1.56 2.45
N TRP A 321 -9.12 2.42 2.46
CA TRP A 321 -8.68 2.94 3.76
C TRP A 321 -9.85 3.47 4.56
N VAL A 322 -10.87 3.99 3.88
CA VAL A 322 -12.02 4.55 4.59
C VAL A 322 -12.71 3.53 5.48
N GLU A 323 -12.63 2.26 5.13
CA GLU A 323 -13.28 1.23 5.91
CA GLU A 323 -13.28 1.22 5.92
C GLU A 323 -12.72 1.17 7.33
N PHE A 324 -11.39 1.36 7.47
CA PHE A 324 -10.79 1.48 8.79
C PHE A 324 -11.02 2.87 9.35
N TYR A 325 -10.74 3.90 8.57
CA TYR A 325 -10.65 5.24 9.12
C TYR A 325 -11.99 5.73 9.64
N ARG A 326 -13.09 5.33 9.01
CA ARG A 326 -14.40 5.73 9.54
C ARG A 326 -14.65 5.24 10.95
N LEU A 327 -13.93 4.23 11.40
CA LEU A 327 -14.06 3.73 12.75
C LEU A 327 -13.21 4.51 13.73
N ARG A 328 -12.33 5.37 13.24
CA ARG A 328 -11.39 6.12 14.05
C ARG A 328 -11.72 7.59 14.09
N SER A 329 -12.41 8.11 13.08
CA SER A 329 -12.61 9.53 12.94
C SER A 329 -13.58 10.06 14.00
N PRO A 330 -13.38 11.31 14.45
CA PRO A 330 -14.40 11.94 15.32
C PRO A 330 -15.68 12.26 14.59
N ASP A 331 -15.67 12.23 13.27
CA ASP A 331 -16.83 12.59 12.44
C ASP A 331 -17.09 11.47 11.45
N PRO A 332 -17.41 10.28 11.94
CA PRO A 332 -17.44 9.11 11.05
C PRO A 332 -18.43 9.19 9.90
N MET A 333 -19.56 9.86 10.08
CA MET A 333 -20.64 9.78 9.11
C MET A 333 -20.31 10.54 7.83
N ARG A 334 -19.33 11.44 7.90
CA ARG A 334 -18.94 12.14 6.69
C ARG A 334 -18.32 11.20 5.68
N PHE A 335 -17.89 10.01 6.11
CA PHE A 335 -17.31 9.01 5.23
C PHE A 335 -18.33 8.01 4.70
N ASP A 336 -19.62 8.19 5.00
CA ASP A 336 -20.61 7.21 4.58
C ASP A 336 -20.71 7.12 3.05
N ALA A 337 -20.61 8.25 2.35
CA ALA A 337 -20.76 8.20 0.92
C ALA A 337 -19.59 7.44 0.28
N MET A 338 -18.37 7.58 0.83
CA MET A 338 -17.27 6.77 0.33
C MET A 338 -17.47 5.30 0.69
N HIS A 339 -17.91 5.03 1.93
CA HIS A 339 -18.14 3.66 2.37
C HIS A 339 -19.15 2.94 1.47
N ALA A 340 -20.17 3.67 0.99
CA ALA A 340 -21.19 3.07 0.14
C ALA A 340 -20.65 2.67 -1.23
N ALA A 341 -19.49 3.15 -1.63
CA ALA A 341 -18.87 2.70 -2.87
C ALA A 341 -18.17 1.36 -2.70
N GLY A 342 -18.11 0.83 -1.49
CA GLY A 342 -17.46 -0.44 -1.28
C GLY A 342 -18.36 -1.60 -1.67
N PRO A 343 -17.93 -2.83 -1.41
CA PRO A 343 -16.71 -3.19 -0.67
C PRO A 343 -15.44 -2.90 -1.45
N PHE A 344 -14.30 -2.83 -0.75
CA PHE A 344 -13.04 -2.45 -1.35
C PHE A 344 -12.02 -3.56 -1.19
N GLN A 345 -11.32 -3.84 -2.28
CA GLN A 345 -10.27 -4.85 -2.28
C GLN A 345 -9.04 -4.27 -2.92
N ASP A 346 -7.88 -4.53 -2.33
CA ASP A 346 -6.62 -4.10 -2.90
C ASP A 346 -5.51 -5.02 -2.41
N PRO A 347 -4.93 -5.83 -3.31
CA PRO A 347 -3.83 -6.71 -2.89
C PRO A 347 -2.67 -5.97 -2.29
N ARG A 348 -2.40 -4.74 -2.71
CA ARG A 348 -1.28 -3.98 -2.18
C ARG A 348 -1.50 -3.56 -0.74
N MET A 349 -2.73 -3.68 -0.25
CA MET A 349 -3.08 -3.41 1.13
C MET A 349 -3.50 -4.63 1.93
N GLY A 350 -3.28 -5.82 1.36
CA GLY A 350 -3.57 -7.05 2.05
C GLY A 350 -4.83 -7.77 1.62
N GLY A 351 -5.62 -7.20 0.72
CA GLY A 351 -6.82 -7.88 0.23
C GLY A 351 -8.09 -7.11 0.53
N ASN A 352 -9.04 -7.76 1.21
CA ASN A 352 -10.38 -7.20 1.37
C ASN A 352 -10.40 -6.24 2.56
N LEU A 353 -10.35 -4.94 2.25
CA LEU A 353 -10.33 -3.90 3.26
C LEU A 353 -11.65 -3.82 4.03
N THR A 354 -12.77 -4.01 3.33
CA THR A 354 -14.06 -3.98 3.98
C THR A 354 -14.14 -5.05 5.05
N LEU A 355 -13.70 -6.26 4.74
CA LEU A 355 -13.74 -7.34 5.73
C LEU A 355 -12.70 -7.15 6.83
N MET A 356 -11.48 -6.75 6.47
CA MET A 356 -10.41 -6.57 7.49
C MET A 356 -10.80 -5.49 8.48
N ALA A 357 -11.53 -4.46 8.04
CA ALA A 357 -11.94 -3.42 8.99
C ALA A 357 -12.90 -3.97 10.03
N GLN A 358 -13.70 -4.99 9.67
CA GLN A 358 -14.62 -5.62 10.62
C GLN A 358 -13.96 -6.74 11.42
N GLU A 359 -13.11 -7.52 10.79
CA GLU A 359 -12.60 -8.77 11.34
C GLU A 359 -11.19 -8.67 11.88
N GLY A 360 -10.51 -7.56 11.63
CA GLY A 360 -9.09 -7.43 11.91
C GLY A 360 -8.25 -7.80 10.71
N ILE A 361 -7.07 -7.18 10.63
CA ILE A 361 -6.13 -7.50 9.56
C ILE A 361 -5.65 -8.95 9.67
N VAL A 362 -5.36 -9.41 10.88
CA VAL A 362 -4.81 -10.75 11.09
C VAL A 362 -5.91 -11.67 11.58
N PRO A 363 -6.27 -12.72 10.83
CA PRO A 363 -7.27 -13.68 11.33
C PRO A 363 -6.78 -14.36 12.60
N LEU A 364 -7.75 -14.64 13.54
CA LEU A 364 -7.00 -15.35 14.56
C LEU A 364 -7.22 -16.86 14.42
N PRO A 365 -6.23 -17.69 14.80
CA PRO A 365 -6.29 -19.16 14.66
C PRO A 365 -7.08 -19.83 15.78
C1 EDO B . -14.23 12.95 -8.66
O1 EDO B . -15.35 12.42 -9.40
C2 EDO B . -14.39 14.46 -8.54
O2 EDO B . -15.50 14.78 -7.69
C1 EDO C . -16.32 21.23 -1.84
O1 EDO C . -16.21 19.84 -1.47
C2 EDO C . -15.02 21.94 -1.53
O2 EDO C . -14.97 22.23 -0.13
C1 EDO D . 19.09 5.71 -17.29
O1 EDO D . 18.35 4.47 -17.48
C2 EDO D . 20.07 6.04 -18.40
O2 EDO D . 21.09 5.04 -18.47
CL CL E . 17.04 -2.63 -19.44
#